data_5PH8
#
_entry.id   5PH8
#
_cell.length_a   71.280
_cell.length_b   71.280
_cell.length_c   149.806
_cell.angle_alpha   90.000
_cell.angle_beta   90.000
_cell.angle_gamma   90.000
#
_symmetry.space_group_name_H-M   'P 43 21 2'
#
loop_
_entity.id
_entity.type
_entity.pdbx_description
1 polymer 'Lysine-specific demethylase 4D'
2 non-polymer 'ZINC ION'
3 non-polymer 'NICKEL (II) ION'
4 non-polymer N-OXALYLGLYCINE
5 non-polymer 1,2-ETHANEDIOL
6 non-polymer 'SULFATE ION'
7 non-polymer 'PHTHALIC ACID'
8 non-polymer 2H-isoindole-1,3-diamine
9 water water
#
_entity_poly.entity_id   1
_entity_poly.type   'polypeptide(L)'
_entity_poly.pdbx_seq_one_letter_code
;MHHHHHHSSGVDLGTENLYFQSMETMKSKANCAQNPNCNIMIFHPTKEEFNDFDKYIAYMESQGAHRAGLAKIIPPKEWK
ARETYDNISEILIATPLQQVASGRAGVFTQYHKKKKAMTVGEYRHLANSKKYQTPPHQNFEDLERKYWKNRIYNSPIYGA
DISGSLFDENTKQWNLGHLGTIQDLLEKECGVVIEGVNTPYLYFGMWKTTFAWHTEDMDLYSINYLHLGEPKTWYVVPPE
HGQRLERLARELFPGSSRGCGAFLRHKVALISPTVLKENGIPFNRITQEAGEFMVTFPYGYHAGFNHGFNCAEAINFATP
RWIDYGKMASQCSCGEARVTFSMDAFVRILQPERYDLWKRGQDR
;
_entity_poly.pdbx_strand_id   A
#
# COMPACT_ATOMS: atom_id res chain seq x y z
N ALA A 33 -13.66 -7.55 -23.76
CA ALA A 33 -13.27 -7.05 -22.44
C ALA A 33 -12.02 -6.18 -22.52
N GLN A 34 -12.04 -5.08 -21.79
CA GLN A 34 -10.95 -4.12 -21.81
C GLN A 34 -9.73 -4.61 -21.04
N ASN A 35 -8.55 -4.29 -21.56
CA ASN A 35 -7.28 -4.63 -20.91
C ASN A 35 -7.14 -6.11 -20.56
N PRO A 36 -7.32 -7.00 -21.55
CA PRO A 36 -7.28 -8.44 -21.23
C PRO A 36 -5.93 -8.96 -20.76
N ASN A 37 -4.83 -8.31 -21.15
CA ASN A 37 -3.51 -8.72 -20.67
C ASN A 37 -3.21 -8.18 -19.28
N CYS A 38 -4.12 -7.39 -18.71
CA CYS A 38 -3.96 -6.89 -17.35
C CYS A 38 -2.74 -6.00 -17.16
N ASN A 39 -2.47 -5.17 -18.16
CA ASN A 39 -1.36 -4.21 -18.09
C ASN A 39 -1.69 -3.06 -17.16
N ILE A 40 -0.66 -2.54 -16.50
CA ILE A 40 -0.82 -1.31 -15.72
C ILE A 40 -1.04 -0.15 -16.66
N MET A 41 -2.16 0.54 -16.47
CA MET A 41 -2.51 1.69 -17.29
C MET A 41 -2.12 3.00 -16.60
N ILE A 42 -1.79 4.00 -17.42
CA ILE A 42 -1.39 5.31 -16.93
C ILE A 42 -2.38 6.32 -17.48
N PHE A 43 -2.93 7.16 -16.59
CA PHE A 43 -3.96 8.11 -16.96
C PHE A 43 -3.48 9.56 -16.81
N HIS A 44 -3.95 10.42 -17.70
CA HIS A 44 -3.62 11.84 -17.69
C HIS A 44 -4.90 12.66 -17.69
N PRO A 45 -5.64 12.69 -16.56
CA PRO A 45 -6.88 13.47 -16.51
C PRO A 45 -6.66 14.96 -16.75
N THR A 46 -7.62 15.58 -17.42
CA THR A 46 -7.61 17.03 -17.55
C THR A 46 -8.06 17.62 -16.23
N LYS A 47 -7.90 18.92 -16.06
CA LYS A 47 -8.36 19.55 -14.82
C LYS A 47 -9.87 19.40 -14.64
N GLU A 48 -10.62 19.39 -15.74
CA GLU A 48 -12.06 19.16 -15.66
C GLU A 48 -12.37 17.73 -15.19
N GLU A 49 -11.65 16.77 -15.75
CA GLU A 49 -11.82 15.37 -15.37
C GLU A 49 -11.39 15.08 -13.93
N PHE A 50 -10.58 15.96 -13.36
CA PHE A 50 -9.99 15.77 -12.04
C PHE A 50 -10.93 16.25 -10.92
N ASN A 51 -12.07 16.80 -11.29
CA ASN A 51 -13.00 17.33 -10.29
C ASN A 51 -13.74 16.25 -9.50
N ASP A 52 -14.24 15.24 -10.22
CA ASP A 52 -15.09 14.23 -9.64
C ASP A 52 -14.31 12.93 -9.47
N PHE A 53 -13.87 12.67 -8.24
CA PHE A 53 -13.02 11.52 -7.96
C PHE A 53 -13.70 10.20 -8.32
N ASP A 54 -14.89 9.98 -7.78
N ASP A 54 -14.90 9.98 -7.80
CA ASP A 54 -15.62 8.73 -8.02
CA ASP A 54 -15.59 8.71 -8.01
C ASP A 54 -15.82 8.47 -9.50
C ASP A 54 -15.91 8.46 -9.49
N LYS A 55 -16.20 9.52 -10.23
CA LYS A 55 -16.47 9.42 -11.66
C LYS A 55 -15.20 9.00 -12.42
N TYR A 56 -14.05 9.53 -12.00
CA TYR A 56 -12.81 9.18 -12.70
C TYR A 56 -12.38 7.75 -12.39
N ILE A 57 -12.56 7.30 -11.16
CA ILE A 57 -12.25 5.91 -10.84
C ILE A 57 -13.12 4.99 -11.72
N ALA A 58 -14.42 5.31 -11.81
CA ALA A 58 -15.33 4.53 -12.65
C ALA A 58 -14.88 4.54 -14.11
N TYR A 59 -14.42 5.70 -14.58
CA TYR A 59 -13.90 5.80 -15.94
C TYR A 59 -12.69 4.88 -16.16
N MET A 60 -11.75 4.91 -15.22
N MET A 60 -11.73 4.91 -15.23
CA MET A 60 -10.56 4.07 -15.33
CA MET A 60 -10.56 4.06 -15.35
C MET A 60 -10.95 2.60 -15.43
C MET A 60 -10.98 2.60 -15.47
N GLU A 61 -11.94 2.20 -14.64
CA GLU A 61 -12.41 0.81 -14.67
C GLU A 61 -13.14 0.48 -15.98
N SER A 62 -13.84 1.46 -16.54
CA SER A 62 -14.49 1.25 -17.84
C SER A 62 -13.45 0.94 -18.92
N GLN A 63 -12.22 1.37 -18.69
CA GLN A 63 -11.13 1.12 -19.62
C GLN A 63 -10.31 -0.12 -19.24
N GLY A 64 -10.74 -0.82 -18.20
CA GLY A 64 -10.09 -2.06 -17.77
C GLY A 64 -8.91 -1.88 -16.83
N ALA A 65 -8.74 -0.69 -16.27
CA ALA A 65 -7.59 -0.41 -15.43
C ALA A 65 -7.47 -1.39 -14.25
N HIS A 66 -8.61 -1.72 -13.65
CA HIS A 66 -8.59 -2.56 -12.45
C HIS A 66 -8.04 -3.97 -12.71
N ARG A 67 -8.07 -4.42 -13.96
CA ARG A 67 -7.59 -5.77 -14.24
C ARG A 67 -6.12 -5.94 -13.89
N ALA A 68 -5.34 -4.86 -13.95
CA ALA A 68 -3.93 -4.91 -13.58
C ALA A 68 -3.71 -5.02 -12.07
N GLY A 69 -4.65 -4.51 -11.27
CA GLY A 69 -4.48 -4.40 -9.84
C GLY A 69 -3.91 -3.06 -9.38
N LEU A 70 -3.38 -2.29 -10.33
CA LEU A 70 -2.68 -1.04 -10.04
C LEU A 70 -2.79 -0.13 -11.25
N ALA A 71 -3.02 1.16 -11.02
CA ALA A 71 -3.01 2.19 -12.08
C ALA A 71 -2.21 3.40 -11.61
N LYS A 72 -1.60 4.11 -12.56
CA LYS A 72 -0.95 5.38 -12.27
C LYS A 72 -1.82 6.51 -12.79
N ILE A 73 -1.95 7.57 -11.99
CA ILE A 73 -2.66 8.77 -12.42
C ILE A 73 -1.74 9.98 -12.29
N ILE A 74 -1.47 10.63 -13.42
CA ILE A 74 -0.64 11.82 -13.43
C ILE A 74 -1.60 13.02 -13.37
N PRO A 75 -1.51 13.84 -12.31
CA PRO A 75 -2.44 14.96 -12.19
C PRO A 75 -2.26 15.99 -13.31
N PRO A 76 -3.31 16.76 -13.61
CA PRO A 76 -3.15 17.83 -14.60
C PRO A 76 -2.10 18.84 -14.16
N LYS A 77 -1.48 19.49 -15.13
CA LYS A 77 -0.35 20.40 -14.85
C LYS A 77 -0.75 21.57 -13.96
N GLU A 78 -2.04 21.90 -13.96
CA GLU A 78 -2.54 23.02 -13.16
C GLU A 78 -2.70 22.69 -11.67
N TRP A 79 -2.60 21.42 -11.33
CA TRP A 79 -2.89 20.95 -9.97
C TRP A 79 -1.65 20.89 -9.08
N LYS A 80 -1.84 21.16 -7.79
CA LYS A 80 -0.77 20.99 -6.81
C LYS A 80 -1.35 20.47 -5.50
N ALA A 81 -0.60 19.62 -4.82
CA ALA A 81 -1.04 19.07 -3.54
C ALA A 81 -0.95 20.12 -2.43
N ARG A 82 0.11 20.92 -2.48
CA ARG A 82 0.30 22.02 -1.53
C ARG A 82 1.34 22.95 -2.12
N GLU A 83 1.51 24.13 -1.53
CA GLU A 83 2.40 25.15 -2.05
CA GLU A 83 2.41 25.13 -2.07
C GLU A 83 3.87 24.71 -2.02
N THR A 84 4.34 24.32 -0.85
CA THR A 84 5.71 23.84 -0.71
C THR A 84 5.81 22.82 0.41
N TYR A 85 6.93 22.11 0.44
CA TYR A 85 7.19 21.14 1.50
C TYR A 85 8.25 21.66 2.46
N ASP A 86 8.42 22.99 2.48
N ASP A 86 8.31 22.99 2.59
CA ASP A 86 9.55 23.59 3.18
CA ASP A 86 9.27 23.69 3.46
C ASP A 86 9.44 23.54 4.69
C ASP A 86 9.53 23.06 4.83
N ASN A 87 8.29 23.10 5.19
N ASN A 87 8.58 23.21 5.74
CA ASN A 87 8.03 23.15 6.63
CA ASN A 87 8.79 22.80 7.13
C ASN A 87 7.54 21.85 7.21
C ASN A 87 8.21 21.44 7.47
N ILE A 88 8.13 20.72 6.79
N ILE A 88 8.31 20.49 6.56
CA ILE A 88 7.66 19.41 7.23
CA ILE A 88 7.87 19.13 6.88
C ILE A 88 8.66 18.65 8.12
C ILE A 88 8.77 18.52 7.96
N SER A 89 9.82 19.23 8.33
CA SER A 89 10.87 18.59 9.12
CA SER A 89 10.88 18.61 9.13
C SER A 89 10.46 18.38 10.58
N GLU A 90 9.42 19.08 11.03
CA GLU A 90 9.02 18.99 12.43
CA GLU A 90 8.99 19.03 12.43
C GLU A 90 8.00 17.90 12.69
N ILE A 91 7.52 17.26 11.64
CA ILE A 91 6.66 16.09 11.80
C ILE A 91 7.43 15.03 12.59
N LEU A 92 6.75 14.38 13.54
CA LEU A 92 7.38 13.35 14.35
C LEU A 92 7.07 11.95 13.82
N ILE A 93 8.12 11.15 13.67
CA ILE A 93 7.96 9.73 13.44
C ILE A 93 8.12 9.05 14.81
N ALA A 94 6.99 8.80 15.47
CA ALA A 94 7.00 8.34 16.85
C ALA A 94 7.65 6.97 16.99
N THR A 95 7.45 6.12 15.99
CA THR A 95 7.96 4.76 16.04
C THR A 95 8.55 4.33 14.70
N PRO A 96 9.77 4.82 14.39
CA PRO A 96 10.43 4.35 13.17
C PRO A 96 10.65 2.85 13.24
N LEU A 97 10.57 2.17 12.10
CA LEU A 97 10.68 0.72 12.07
C LEU A 97 11.90 0.27 11.26
N GLN A 98 12.79 -0.49 11.91
CA GLN A 98 13.96 -1.03 11.22
C GLN A 98 13.55 -2.36 10.63
N GLN A 99 13.70 -2.49 9.31
CA GLN A 99 13.16 -3.64 8.58
C GLN A 99 14.24 -4.71 8.39
N VAL A 100 14.24 -5.69 9.29
CA VAL A 100 15.28 -6.70 9.33
C VAL A 100 14.86 -7.93 8.55
N ALA A 101 15.67 -8.35 7.57
CA ALA A 101 15.29 -9.45 6.68
C ALA A 101 15.86 -10.80 7.11
N SER A 102 15.14 -11.86 6.76
CA SER A 102 15.61 -13.24 6.94
C SER A 102 15.23 -14.06 5.72
N GLY A 103 16.14 -14.90 5.25
CA GLY A 103 15.85 -15.79 4.14
C GLY A 103 16.91 -15.69 3.07
N ARG A 104 16.46 -15.68 1.82
N ARG A 104 16.48 -15.74 1.82
CA ARG A 104 17.33 -15.60 0.67
CA ARG A 104 17.40 -15.57 0.69
C ARG A 104 17.07 -14.28 -0.04
C ARG A 104 17.03 -14.33 -0.11
N ALA A 105 17.94 -13.92 -0.98
CA ALA A 105 17.81 -12.62 -1.66
C ALA A 105 16.46 -12.42 -2.33
N GLY A 106 15.93 -13.47 -2.96
CA GLY A 106 14.67 -13.37 -3.67
C GLY A 106 13.44 -13.89 -2.94
N VAL A 107 13.63 -14.47 -1.75
CA VAL A 107 12.53 -14.99 -0.96
C VAL A 107 12.87 -14.78 0.50
N PHE A 108 12.26 -13.77 1.09
CA PHE A 108 12.61 -13.43 2.47
C PHE A 108 11.42 -12.85 3.21
N THR A 109 11.50 -12.87 4.53
CA THR A 109 10.54 -12.13 5.34
C THR A 109 11.25 -10.96 5.98
N GLN A 110 10.49 -9.98 6.45
CA GLN A 110 11.08 -8.90 7.22
C GLN A 110 10.29 -8.67 8.48
N TYR A 111 11.03 -8.41 9.55
CA TYR A 111 10.34 -8.06 10.78
CA TYR A 111 10.52 -8.13 10.88
C TYR A 111 10.69 -6.63 11.12
N HIS A 112 9.79 -6.00 11.85
CA HIS A 112 9.92 -4.58 12.15
CA HIS A 112 9.93 -4.59 12.14
C HIS A 112 10.38 -4.39 13.58
N LYS A 113 11.60 -3.89 13.73
CA LYS A 113 12.16 -3.59 15.04
C LYS A 113 11.92 -2.12 15.35
N LYS A 114 11.26 -1.85 16.47
CA LYS A 114 10.95 -0.46 16.83
C LYS A 114 12.18 0.30 17.26
N LYS A 115 12.30 1.54 16.79
CA LYS A 115 13.41 2.40 17.16
C LYS A 115 12.87 3.63 17.87
N LYS A 116 13.78 4.40 18.47
CA LYS A 116 13.39 5.63 19.17
C LYS A 116 12.83 6.66 18.20
N ALA A 117 11.94 7.51 18.70
CA ALA A 117 11.30 8.53 17.88
C ALA A 117 12.32 9.47 17.25
N MET A 118 11.99 9.98 16.07
N MET A 118 12.00 9.93 16.03
CA MET A 118 12.80 11.01 15.45
CA MET A 118 12.80 10.94 15.33
C MET A 118 11.93 11.88 14.56
C MET A 118 11.85 11.93 14.68
N THR A 119 12.35 13.13 14.37
CA THR A 119 11.61 14.03 13.51
C THR A 119 11.90 13.67 12.06
N VAL A 120 11.08 14.18 11.16
CA VAL A 120 11.31 13.96 9.75
C VAL A 120 12.66 14.56 9.31
N GLY A 121 13.04 15.68 9.92
CA GLY A 121 14.34 16.26 9.64
C GLY A 121 15.48 15.32 10.00
N GLU A 122 15.38 14.70 11.16
CA GLU A 122 16.37 13.73 11.60
C GLU A 122 16.37 12.51 10.69
N TYR A 123 15.17 12.05 10.33
CA TYR A 123 15.01 10.88 9.47
C TYR A 123 15.63 11.11 8.09
N ARG A 124 15.37 12.30 7.53
CA ARG A 124 15.92 12.65 6.23
C ARG A 124 17.45 12.65 6.27
N HIS A 125 18.01 13.24 7.33
CA HIS A 125 19.46 13.22 7.50
C HIS A 125 20.00 11.79 7.57
N LEU A 126 19.30 10.94 8.30
CA LEU A 126 19.70 9.54 8.40
C LEU A 126 19.63 8.84 7.03
N ALA A 127 18.55 9.07 6.30
CA ALA A 127 18.38 8.49 4.97
C ALA A 127 19.53 8.87 4.04
N ASN A 128 20.02 10.09 4.17
CA ASN A 128 21.06 10.60 3.30
C ASN A 128 22.48 10.30 3.77
N SER A 129 22.61 9.64 4.92
CA SER A 129 23.92 9.32 5.46
C SER A 129 24.58 8.22 4.65
N LYS A 130 25.90 8.08 4.76
CA LYS A 130 26.60 7.07 3.98
C LYS A 130 26.04 5.66 4.20
N LYS A 131 25.63 5.36 5.43
CA LYS A 131 25.14 4.03 5.77
C LYS A 131 23.87 3.67 5.02
N TYR A 132 23.01 4.67 4.76
CA TYR A 132 21.66 4.42 4.26
C TYR A 132 21.34 4.98 2.88
N GLN A 133 22.22 5.83 2.35
N GLN A 133 22.22 5.83 2.35
CA GLN A 133 21.92 6.53 1.11
CA GLN A 133 21.92 6.53 1.11
C GLN A 133 21.88 5.59 -0.10
C GLN A 133 21.91 5.62 -0.12
N THR A 134 21.07 5.98 -1.09
CA THR A 134 21.02 5.29 -2.37
C THR A 134 22.40 5.21 -3.00
N PRO A 135 22.81 4.02 -3.47
CA PRO A 135 24.13 3.88 -4.10
C PRO A 135 24.15 4.48 -5.50
N PRO A 136 25.36 4.77 -6.01
CA PRO A 136 25.47 5.16 -7.42
C PRO A 136 24.84 4.10 -8.30
N HIS A 137 24.16 4.53 -9.37
CA HIS A 137 23.46 3.60 -10.24
C HIS A 137 23.23 4.26 -11.60
N GLN A 138 23.04 3.45 -12.63
CA GLN A 138 22.88 3.96 -13.99
CA GLN A 138 22.88 3.96 -13.99
C GLN A 138 21.46 4.45 -14.28
N ASN A 139 20.47 3.72 -13.82
CA ASN A 139 19.06 4.01 -14.10
C ASN A 139 18.15 3.25 -13.13
N PHE A 140 16.83 3.31 -13.33
CA PHE A 140 15.90 2.59 -12.46
C PHE A 140 16.16 1.08 -12.49
N GLU A 141 16.45 0.53 -13.67
CA GLU A 141 16.67 -0.90 -13.82
C GLU A 141 17.89 -1.38 -13.04
N ASP A 142 18.97 -0.60 -13.10
CA ASP A 142 20.20 -0.91 -12.38
C ASP A 142 19.91 -0.88 -10.88
N LEU A 143 19.16 0.13 -10.45
CA LEU A 143 18.80 0.23 -9.04
C LEU A 143 17.92 -0.95 -8.60
N GLU A 144 16.98 -1.35 -9.44
CA GLU A 144 16.14 -2.51 -9.17
C GLU A 144 17.00 -3.78 -9.00
N ARG A 145 17.97 -3.99 -9.88
N ARG A 145 17.96 -3.98 -9.89
CA ARG A 145 18.86 -5.13 -9.73
CA ARG A 145 18.89 -5.10 -9.78
C ARG A 145 19.62 -5.08 -8.41
C ARG A 145 19.64 -5.08 -8.44
N LYS A 146 20.14 -3.91 -8.07
CA LYS A 146 20.85 -3.75 -6.80
C LYS A 146 19.94 -4.05 -5.62
N TYR A 147 18.69 -3.58 -5.70
CA TYR A 147 17.75 -3.82 -4.61
C TYR A 147 17.58 -5.32 -4.36
N TRP A 148 17.27 -6.08 -5.41
CA TRP A 148 16.98 -7.50 -5.20
C TRP A 148 18.22 -8.32 -4.88
N LYS A 149 19.38 -7.85 -5.33
CA LYS A 149 20.62 -8.53 -5.04
CA LYS A 149 20.62 -8.53 -5.04
C LYS A 149 21.03 -8.34 -3.58
N ASN A 150 20.84 -7.11 -3.07
CA ASN A 150 21.45 -6.70 -1.81
C ASN A 150 20.52 -6.35 -0.65
N ARG A 151 19.21 -6.30 -0.90
CA ARG A 151 18.26 -5.85 0.13
C ARG A 151 18.44 -6.57 1.45
N ILE A 152 18.60 -7.89 1.41
CA ILE A 152 18.57 -8.63 2.68
C ILE A 152 19.76 -8.31 3.58
N TYR A 153 20.82 -7.74 3.01
CA TYR A 153 22.05 -7.51 3.78
C TYR A 153 22.05 -6.18 4.50
N ASN A 154 20.93 -5.45 4.41
CA ASN A 154 20.79 -4.17 5.08
C ASN A 154 19.47 -4.10 5.81
N SER A 155 19.36 -3.19 6.76
CA SER A 155 18.13 -3.02 7.53
C SER A 155 17.70 -1.57 7.55
N PRO A 156 17.07 -1.10 6.47
CA PRO A 156 16.66 0.30 6.37
C PRO A 156 15.56 0.61 7.39
N ILE A 157 15.37 1.89 7.67
CA ILE A 157 14.40 2.32 8.66
C ILE A 157 13.29 3.05 7.93
N TYR A 158 12.04 2.67 8.23
N TYR A 158 12.04 2.70 8.20
CA TYR A 158 10.82 3.19 7.59
CA TYR A 158 10.96 3.40 7.53
C TYR A 158 9.97 3.96 8.61
C TYR A 158 9.86 3.88 8.47
N GLY A 159 9.45 5.12 8.23
CA GLY A 159 8.44 5.77 9.02
C GLY A 159 7.07 5.49 8.42
N ALA A 160 6.40 4.46 8.88
CA ALA A 160 5.17 4.03 8.23
C ALA A 160 3.93 4.24 9.09
N ASP A 161 2.78 4.33 8.42
CA ASP A 161 1.49 4.35 9.09
C ASP A 161 1.38 5.47 10.12
N ILE A 162 1.78 6.68 9.71
CA ILE A 162 1.70 7.84 10.56
C ILE A 162 0.41 8.60 10.21
N SER A 163 -0.55 8.62 11.13
N SER A 163 -0.54 8.63 11.14
CA SER A 163 -1.81 9.30 10.84
CA SER A 163 -1.80 9.32 10.88
C SER A 163 -1.55 10.78 10.56
C SER A 163 -1.56 10.80 10.58
N GLY A 164 -2.04 11.27 9.44
CA GLY A 164 -1.85 12.65 9.07
C GLY A 164 -1.99 12.89 7.58
N SER A 165 -1.88 14.15 7.17
CA SER A 165 -2.00 14.53 5.76
C SER A 165 -1.09 15.70 5.45
N LEU A 166 -0.58 15.73 4.21
CA LEU A 166 0.20 16.86 3.74
C LEU A 166 -0.51 17.63 2.65
N PHE A 167 -1.76 17.28 2.37
CA PHE A 167 -2.52 18.07 1.41
C PHE A 167 -2.96 19.39 2.03
N ASP A 168 -2.85 20.46 1.25
CA ASP A 168 -3.34 21.75 1.71
C ASP A 168 -4.86 21.67 1.81
N GLU A 169 -5.44 22.26 2.86
CA GLU A 169 -6.88 22.20 3.02
C GLU A 169 -7.59 22.84 1.82
N ASN A 170 -6.91 23.76 1.14
CA ASN A 170 -7.50 24.43 -0.01
C ASN A 170 -7.38 23.66 -1.32
N THR A 171 -6.70 22.53 -1.29
CA THR A 171 -6.65 21.65 -2.44
C THR A 171 -7.94 20.87 -2.50
N LYS A 172 -8.77 21.16 -3.50
CA LYS A 172 -10.12 20.59 -3.54
C LYS A 172 -10.21 19.30 -4.35
N GLN A 173 -9.25 19.07 -5.24
CA GLN A 173 -9.27 17.90 -6.11
C GLN A 173 -8.29 16.85 -5.61
N TRP A 174 -8.77 15.60 -5.50
CA TRP A 174 -7.92 14.46 -5.15
C TRP A 174 -7.13 14.70 -3.85
N ASN A 175 -7.80 15.33 -2.89
CA ASN A 175 -7.22 15.57 -1.58
C ASN A 175 -7.53 14.34 -0.75
N LEU A 176 -6.50 13.57 -0.42
CA LEU A 176 -6.73 12.28 0.22
C LEU A 176 -7.32 12.38 1.64
N GLY A 177 -7.35 13.58 2.20
CA GLY A 177 -8.01 13.80 3.48
C GLY A 177 -9.45 14.24 3.36
N HIS A 178 -9.93 14.41 2.13
CA HIS A 178 -11.30 14.87 1.87
C HIS A 178 -12.14 13.89 1.05
N LEU A 179 -11.75 12.63 1.01
CA LEU A 179 -12.51 11.66 0.23
C LEU A 179 -13.74 11.22 1.01
N GLY A 180 -14.76 10.76 0.28
CA GLY A 180 -15.88 10.10 0.89
C GLY A 180 -15.40 8.87 1.65
N THR A 181 -16.01 8.60 2.81
CA THR A 181 -15.51 7.55 3.68
C THR A 181 -16.05 6.18 3.27
N ILE A 182 -15.32 5.16 3.67
CA ILE A 182 -15.78 3.80 3.40
CA ILE A 182 -15.78 3.81 3.37
C ILE A 182 -17.08 3.50 4.12
N GLN A 183 -17.23 4.07 5.31
CA GLN A 183 -18.46 3.86 6.07
C GLN A 183 -19.66 4.46 5.34
N ASP A 184 -19.47 5.63 4.73
CA ASP A 184 -20.56 6.22 3.97
C ASP A 184 -20.86 5.43 2.70
N LEU A 185 -19.83 4.87 2.08
CA LEU A 185 -20.06 4.01 0.92
C LEU A 185 -20.89 2.80 1.30
N LEU A 186 -20.52 2.12 2.38
N LEU A 186 -20.51 2.13 2.39
CA LEU A 186 -21.29 0.96 2.83
CA LEU A 186 -21.25 0.96 2.84
C LEU A 186 -22.72 1.34 3.13
C LEU A 186 -22.70 1.29 3.20
N GLU A 187 -22.90 2.47 3.78
CA GLU A 187 -24.25 2.93 4.10
C GLU A 187 -25.07 3.22 2.84
N LYS A 188 -24.46 3.89 1.87
CA LYS A 188 -25.13 4.21 0.61
C LYS A 188 -25.52 2.95 -0.17
N GLU A 189 -24.64 1.96 -0.16
CA GLU A 189 -24.85 0.74 -0.93
C GLU A 189 -25.76 -0.28 -0.25
N CYS A 190 -25.63 -0.39 1.07
N CYS A 190 -25.62 -0.44 1.06
CA CYS A 190 -26.27 -1.49 1.80
CA CYS A 190 -26.34 -1.51 1.75
C CYS A 190 -27.30 -1.01 2.80
C CYS A 190 -27.34 -1.01 2.80
N GLY A 191 -27.38 0.30 3.01
CA GLY A 191 -28.37 0.87 3.92
C GLY A 191 -28.05 0.64 5.39
N VAL A 192 -26.83 0.24 5.67
CA VAL A 192 -26.39 -0.01 7.04
CA VAL A 192 -26.40 0.00 7.04
C VAL A 192 -25.58 1.16 7.56
N VAL A 193 -25.86 1.57 8.78
CA VAL A 193 -25.12 2.64 9.42
C VAL A 193 -24.14 2.02 10.40
N ILE A 194 -22.87 2.39 10.30
CA ILE A 194 -21.85 1.79 11.15
C ILE A 194 -20.91 2.84 11.73
N GLU A 195 -20.31 2.49 12.86
CA GLU A 195 -19.26 3.30 13.46
C GLU A 195 -17.98 3.19 12.62
N GLY A 196 -17.04 4.07 12.90
CA GLY A 196 -15.73 3.99 12.28
C GLY A 196 -15.40 5.22 11.46
N VAL A 197 -14.11 5.47 11.34
CA VAL A 197 -13.63 6.56 10.54
C VAL A 197 -12.54 6.03 9.63
N ASN A 198 -12.04 6.91 8.75
N ASN A 198 -12.20 6.80 8.60
CA ASN A 198 -11.25 6.54 7.58
CA ASN A 198 -11.03 6.47 7.84
C ASN A 198 -10.29 7.71 7.22
C ASN A 198 -10.34 7.73 7.47
N THR A 199 -9.06 7.73 7.78
CA THR A 199 -8.18 8.89 7.57
C THR A 199 -6.86 8.48 6.93
N PRO A 200 -6.15 9.44 6.33
CA PRO A 200 -4.92 9.09 5.61
C PRO A 200 -3.72 8.80 6.51
N TYR A 201 -2.72 8.15 5.93
N TYR A 201 -2.74 8.11 5.94
CA TYR A 201 -1.47 7.87 6.62
CA TYR A 201 -1.46 7.80 6.57
C TYR A 201 -0.28 8.33 5.80
C TYR A 201 -0.33 8.47 5.80
N LEU A 202 0.75 8.80 6.50
CA LEU A 202 1.98 9.24 5.87
C LEU A 202 3.04 8.14 5.99
N TYR A 203 3.91 8.07 4.99
CA TYR A 203 4.98 7.09 4.93
C TYR A 203 6.26 7.79 4.54
N PHE A 204 7.25 7.76 5.43
CA PHE A 204 8.55 8.33 5.12
C PHE A 204 9.50 7.18 4.84
N GLY A 205 10.09 7.17 3.65
CA GLY A 205 10.93 6.06 3.22
C GLY A 205 12.36 6.46 2.96
N MET A 206 13.22 5.46 2.83
CA MET A 206 14.59 5.66 2.43
C MET A 206 14.96 4.50 1.50
N TRP A 207 16.18 4.53 0.95
CA TRP A 207 16.64 3.46 0.08
C TRP A 207 16.42 2.09 0.73
N LYS A 208 15.83 1.17 -0.04
CA LYS A 208 15.60 -0.23 0.37
C LYS A 208 14.40 -0.43 1.29
N THR A 209 13.80 0.64 1.81
CA THR A 209 12.57 0.50 2.57
CA THR A 209 12.59 0.41 2.61
C THR A 209 11.56 -0.28 1.73
N THR A 210 10.86 -1.23 2.33
CA THR A 210 10.15 -2.25 1.58
C THR A 210 8.72 -2.42 2.05
N PHE A 211 7.79 -2.52 1.11
CA PHE A 211 6.45 -2.99 1.47
C PHE A 211 6.22 -4.40 0.95
N ALA A 212 5.84 -5.29 1.86
CA ALA A 212 5.68 -6.70 1.58
C ALA A 212 4.44 -6.98 0.74
N TRP A 213 4.38 -8.17 0.15
CA TRP A 213 3.22 -8.59 -0.64
C TRP A 213 1.93 -8.57 0.18
N HIS A 214 0.93 -7.84 -0.29
CA HIS A 214 -0.34 -7.76 0.44
C HIS A 214 -1.45 -7.24 -0.45
N THR A 215 -2.69 -7.52 -0.05
CA THR A 215 -3.83 -6.73 -0.51
C THR A 215 -4.25 -5.84 0.64
N GLU A 216 -5.16 -4.91 0.38
CA GLU A 216 -5.59 -4.01 1.45
C GLU A 216 -6.51 -4.71 2.44
N ASP A 217 -6.67 -4.12 3.63
CA ASP A 217 -7.65 -4.60 4.61
C ASP A 217 -8.99 -4.74 3.90
N MET A 218 -9.64 -5.88 4.09
N MET A 218 -9.69 -5.85 4.14
CA MET A 218 -10.96 -6.12 3.53
CA MET A 218 -11.00 -6.09 3.51
C MET A 218 -10.94 -6.03 2.00
C MET A 218 -10.95 -6.06 1.99
N ASP A 219 -9.75 -6.21 1.42
CA ASP A 219 -9.55 -6.09 -0.02
C ASP A 219 -10.10 -4.77 -0.60
N LEU A 220 -9.94 -3.71 0.17
CA LEU A 220 -10.30 -2.36 -0.26
C LEU A 220 -9.39 -1.83 -1.37
N TYR A 221 -9.80 -0.72 -1.98
CA TYR A 221 -8.85 0.00 -2.82
C TYR A 221 -7.88 0.75 -1.93
N SER A 222 -6.75 1.16 -2.50
CA SER A 222 -5.94 2.18 -1.87
CA SER A 222 -5.91 2.17 -1.88
C SER A 222 -5.55 3.23 -2.91
N ILE A 223 -5.29 4.43 -2.44
CA ILE A 223 -4.73 5.46 -3.29
C ILE A 223 -3.52 6.04 -2.56
N ASN A 224 -2.45 6.26 -3.32
CA ASN A 224 -1.16 6.61 -2.77
C ASN A 224 -0.59 7.77 -3.57
N TYR A 225 -0.30 8.88 -2.90
CA TYR A 225 0.31 10.04 -3.54
C TYR A 225 1.75 10.19 -3.05
N LEU A 226 2.71 10.25 -3.99
CA LEU A 226 4.10 10.46 -3.63
C LEU A 226 4.35 11.97 -3.57
N HIS A 227 4.37 12.51 -2.35
CA HIS A 227 4.47 13.96 -2.18
C HIS A 227 5.81 14.55 -2.59
N LEU A 228 6.89 13.84 -2.26
N LEU A 228 6.88 13.84 -2.26
CA LEU A 228 8.22 14.43 -2.29
CA LEU A 228 8.21 14.39 -2.48
C LEU A 228 9.32 13.38 -2.28
C LEU A 228 9.25 13.30 -2.44
N GLY A 229 10.40 13.62 -3.01
CA GLY A 229 11.58 12.79 -2.91
C GLY A 229 11.76 11.77 -4.02
N GLU A 230 12.47 10.70 -3.68
CA GLU A 230 12.87 9.70 -4.65
C GLU A 230 11.73 8.73 -4.97
N PRO A 231 11.83 8.00 -6.08
CA PRO A 231 10.72 7.16 -6.53
C PRO A 231 10.41 5.95 -5.65
N LYS A 232 9.29 5.32 -5.99
CA LYS A 232 8.83 4.09 -5.34
CA LYS A 232 8.88 4.07 -5.37
C LYS A 232 8.53 3.10 -6.47
N THR A 233 9.14 1.93 -6.43
CA THR A 233 8.85 0.89 -7.44
C THR A 233 7.80 -0.08 -6.90
N TRP A 234 6.79 -0.35 -7.72
CA TRP A 234 5.69 -1.24 -7.37
C TRP A 234 5.69 -2.51 -8.21
N TYR A 235 5.32 -3.62 -7.59
CA TYR A 235 5.01 -4.88 -8.28
C TYR A 235 3.56 -5.23 -7.96
N VAL A 236 2.85 -5.81 -8.92
CA VAL A 236 1.43 -6.09 -8.71
C VAL A 236 0.99 -7.32 -9.48
N VAL A 237 0.13 -8.13 -8.84
CA VAL A 237 -0.46 -9.28 -9.48
C VAL A 237 -1.92 -8.96 -9.81
N PRO A 238 -2.37 -9.25 -11.03
CA PRO A 238 -3.77 -8.98 -11.38
C PRO A 238 -4.72 -9.67 -10.40
N PRO A 239 -5.78 -8.97 -9.97
CA PRO A 239 -6.74 -9.59 -9.03
C PRO A 239 -7.25 -10.95 -9.51
N GLU A 240 -7.46 -11.13 -10.80
CA GLU A 240 -7.98 -12.40 -11.29
C GLU A 240 -6.99 -13.55 -11.09
N HIS A 241 -5.74 -13.22 -10.76
CA HIS A 241 -4.71 -14.24 -10.53
C HIS A 241 -4.12 -14.23 -9.12
N GLY A 242 -4.78 -13.55 -8.20
CA GLY A 242 -4.26 -13.45 -6.84
C GLY A 242 -4.04 -14.79 -6.18
N GLN A 243 -4.91 -15.75 -6.45
CA GLN A 243 -4.77 -17.07 -5.82
CA GLN A 243 -4.79 -17.08 -5.85
C GLN A 243 -3.51 -17.78 -6.25
N ARG A 244 -3.01 -17.48 -7.45
CA ARG A 244 -1.72 -18.04 -7.90
C ARG A 244 -0.58 -17.56 -7.03
N LEU A 245 -0.59 -16.28 -6.67
CA LEU A 245 0.43 -15.77 -5.78
C LEU A 245 0.30 -16.41 -4.40
N GLU A 246 -0.93 -16.55 -3.91
CA GLU A 246 -1.16 -17.17 -2.61
C GLU A 246 -0.61 -18.60 -2.57
N ARG A 247 -0.86 -19.37 -3.62
CA ARG A 247 -0.38 -20.74 -3.69
CA ARG A 247 -0.38 -20.74 -3.66
C ARG A 247 1.15 -20.79 -3.64
N LEU A 248 1.80 -19.93 -4.40
CA LEU A 248 3.26 -19.87 -4.37
C LEU A 248 3.76 -19.46 -2.99
N ALA A 249 3.11 -18.46 -2.39
CA ALA A 249 3.50 -18.01 -1.07
C ALA A 249 3.42 -19.15 -0.05
N ARG A 250 2.40 -19.98 -0.13
N ARG A 250 2.39 -19.98 -0.13
N ARG A 250 2.38 -19.96 -0.13
CA ARG A 250 2.28 -21.11 0.80
CA ARG A 250 2.27 -21.11 0.78
CA ARG A 250 2.26 -21.13 0.74
C ARG A 250 3.42 -22.11 0.60
C ARG A 250 3.42 -22.10 0.61
C ARG A 250 3.48 -22.02 0.62
N GLU A 251 3.88 -22.26 -0.63
CA GLU A 251 5.01 -23.14 -0.92
C GLU A 251 6.32 -22.55 -0.42
N LEU A 252 6.49 -21.23 -0.57
CA LEU A 252 7.75 -20.57 -0.24
C LEU A 252 7.91 -20.25 1.24
N PHE A 253 6.79 -20.14 1.96
CA PHE A 253 6.80 -19.81 3.38
C PHE A 253 5.97 -20.84 4.12
N PRO A 254 6.45 -22.09 4.13
CA PRO A 254 5.62 -23.20 4.62
C PRO A 254 5.25 -23.10 6.10
N GLY A 255 6.19 -22.68 6.95
CA GLY A 255 5.89 -22.51 8.36
C GLY A 255 4.83 -21.44 8.59
N SER A 256 4.98 -20.31 7.91
CA SER A 256 4.01 -19.22 8.02
C SER A 256 2.63 -19.69 7.59
N SER A 257 2.57 -20.46 6.51
CA SER A 257 1.31 -20.95 5.99
C SER A 257 0.61 -21.87 6.99
N ARG A 258 1.38 -22.71 7.67
CA ARG A 258 0.79 -23.59 8.68
C ARG A 258 0.26 -22.81 9.87
N GLY A 259 0.89 -21.68 10.17
CA GLY A 259 0.50 -20.86 11.31
C GLY A 259 -0.77 -20.06 11.10
N CYS A 260 -1.07 -19.74 9.85
CA CYS A 260 -2.21 -18.87 9.55
C CYS A 260 -2.68 -19.05 8.11
N GLY A 261 -3.99 -19.22 7.95
CA GLY A 261 -4.59 -19.43 6.65
C GLY A 261 -4.61 -18.20 5.76
N ALA A 262 -4.24 -17.06 6.33
CA ALA A 262 -4.18 -15.81 5.57
C ALA A 262 -2.90 -15.04 5.95
N PHE A 263 -1.77 -15.73 5.96
CA PHE A 263 -0.56 -15.13 6.52
C PHE A 263 -0.02 -13.93 5.73
N LEU A 264 -0.44 -13.76 4.49
CA LEU A 264 0.00 -12.57 3.76
C LEU A 264 -0.57 -11.29 4.40
N ARG A 265 -1.65 -11.45 5.18
CA ARG A 265 -2.20 -10.35 5.98
C ARG A 265 -1.18 -9.81 6.98
N HIS A 266 -0.15 -10.60 7.30
CA HIS A 266 0.88 -10.16 8.24
C HIS A 266 1.81 -9.12 7.62
N LYS A 267 1.83 -9.07 6.28
CA LYS A 267 2.61 -8.07 5.56
C LYS A 267 4.10 -8.16 5.90
N VAL A 268 4.65 -9.36 5.78
CA VAL A 268 6.07 -9.58 6.05
C VAL A 268 6.81 -10.35 4.96
N ALA A 269 6.11 -10.84 3.93
CA ALA A 269 6.73 -11.73 2.94
C ALA A 269 7.12 -11.03 1.65
N LEU A 270 8.35 -11.26 1.19
CA LEU A 270 8.82 -10.73 -0.08
C LEU A 270 9.22 -11.85 -1.04
N ILE A 271 8.83 -11.69 -2.30
CA ILE A 271 9.21 -12.61 -3.37
C ILE A 271 9.63 -11.73 -4.53
N SER A 272 10.81 -12.00 -5.10
CA SER A 272 11.36 -11.15 -6.15
C SER A 272 10.70 -11.39 -7.51
N PRO A 273 10.83 -10.43 -8.44
CA PRO A 273 10.28 -10.64 -9.79
C PRO A 273 10.93 -11.85 -10.47
N THR A 274 12.20 -12.12 -10.21
CA THR A 274 12.83 -13.31 -10.78
C THR A 274 12.15 -14.59 -10.31
N VAL A 275 11.87 -14.68 -9.01
CA VAL A 275 11.21 -15.86 -8.48
C VAL A 275 9.77 -15.97 -8.98
N LEU A 276 9.07 -14.85 -9.09
CA LEU A 276 7.73 -14.85 -9.67
C LEU A 276 7.77 -15.41 -11.10
N LYS A 277 8.69 -14.91 -11.91
CA LYS A 277 8.82 -15.39 -13.29
CA LYS A 277 8.82 -15.39 -13.29
C LYS A 277 9.13 -16.88 -13.33
N GLU A 278 10.03 -17.33 -12.46
CA GLU A 278 10.43 -18.73 -12.44
C GLU A 278 9.24 -19.64 -12.16
N ASN A 279 8.28 -19.12 -11.42
CA ASN A 279 7.10 -19.87 -11.01
C ASN A 279 5.85 -19.53 -11.82
N GLY A 280 6.02 -18.77 -12.88
CA GLY A 280 4.93 -18.47 -13.78
C GLY A 280 3.81 -17.62 -13.20
N ILE A 281 4.13 -16.81 -12.19
CA ILE A 281 3.11 -15.92 -11.61
C ILE A 281 2.98 -14.67 -12.46
N PRO A 282 1.76 -14.37 -12.93
CA PRO A 282 1.58 -13.15 -13.70
C PRO A 282 1.72 -11.91 -12.81
N PHE A 283 2.50 -10.93 -13.27
CA PHE A 283 2.68 -9.70 -12.51
C PHE A 283 3.16 -8.59 -13.43
N ASN A 284 3.08 -7.36 -12.94
CA ASN A 284 3.64 -6.22 -13.64
C ASN A 284 4.39 -5.35 -12.66
N ARG A 285 5.18 -4.41 -13.20
CA ARG A 285 5.93 -3.49 -12.37
C ARG A 285 5.88 -2.08 -12.96
N ILE A 286 5.99 -1.09 -12.10
CA ILE A 286 6.03 0.30 -12.55
C ILE A 286 6.67 1.12 -11.46
N THR A 287 7.30 2.23 -11.84
CA THR A 287 7.90 3.12 -10.86
C THR A 287 7.12 4.41 -10.79
N GLN A 288 6.75 4.79 -9.57
CA GLN A 288 6.00 6.00 -9.26
C GLN A 288 6.99 7.09 -8.89
N GLU A 289 6.82 8.28 -9.45
CA GLU A 289 7.69 9.40 -9.13
C GLU A 289 6.91 10.48 -8.38
N ALA A 290 7.65 11.41 -7.76
CA ALA A 290 7.00 12.47 -6.99
C ALA A 290 5.99 13.22 -7.85
N GLY A 291 4.83 13.50 -7.26
CA GLY A 291 3.77 14.19 -7.96
C GLY A 291 2.76 13.28 -8.64
N GLU A 292 2.93 11.97 -8.48
CA GLU A 292 2.05 10.99 -9.13
C GLU A 292 1.23 10.18 -8.12
N PHE A 293 0.00 9.87 -8.50
CA PHE A 293 -0.87 8.98 -7.73
C PHE A 293 -0.79 7.56 -8.26
N MET A 294 -0.88 6.60 -7.35
CA MET A 294 -1.13 5.21 -7.72
C MET A 294 -2.42 4.78 -7.04
N VAL A 295 -3.24 4.00 -7.74
CA VAL A 295 -4.41 3.38 -7.15
C VAL A 295 -4.23 1.86 -7.21
N THR A 296 -4.42 1.20 -6.07
CA THR A 296 -4.52 -0.25 -6.07
C THR A 296 -5.98 -0.65 -5.99
N PHE A 297 -6.32 -1.73 -6.70
CA PHE A 297 -7.71 -2.16 -6.86
C PHE A 297 -7.97 -3.36 -5.97
N PRO A 298 -9.24 -3.61 -5.62
CA PRO A 298 -9.59 -4.71 -4.73
C PRO A 298 -8.93 -6.03 -5.13
N TYR A 299 -8.26 -6.63 -4.16
CA TYR A 299 -7.61 -7.93 -4.30
C TYR A 299 -6.42 -7.91 -5.28
N GLY A 300 -5.86 -6.72 -5.47
CA GLY A 300 -4.63 -6.59 -6.25
C GLY A 300 -3.42 -6.66 -5.32
N TYR A 301 -2.79 -7.82 -5.27
CA TYR A 301 -1.58 -7.98 -4.44
C TYR A 301 -0.49 -7.07 -4.96
N HIS A 302 0.18 -6.37 -4.03
CA HIS A 302 1.27 -5.50 -4.42
C HIS A 302 2.40 -5.51 -3.38
N ALA A 303 3.59 -5.14 -3.84
CA ALA A 303 4.79 -5.06 -3.02
C ALA A 303 5.68 -4.03 -3.68
N GLY A 304 6.73 -3.60 -3.00
CA GLY A 304 7.63 -2.65 -3.62
C GLY A 304 8.69 -2.09 -2.70
N PHE A 305 9.40 -1.09 -3.19
CA PHE A 305 10.51 -0.52 -2.41
C PHE A 305 10.74 0.93 -2.79
N ASN A 306 11.35 1.67 -1.88
CA ASN A 306 11.68 3.07 -2.13
C ASN A 306 13.12 3.24 -2.59
N HIS A 307 13.34 4.23 -3.46
CA HIS A 307 14.65 4.44 -4.08
C HIS A 307 15.58 5.27 -3.21
N GLY A 308 15.03 6.01 -2.25
CA GLY A 308 15.78 6.98 -1.47
C GLY A 308 14.78 7.72 -0.60
N PHE A 309 15.22 8.79 0.06
CA PHE A 309 14.32 9.54 0.94
C PHE A 309 13.08 10.00 0.19
N ASN A 310 11.92 9.71 0.75
CA ASN A 310 10.66 10.19 0.18
C ASN A 310 9.55 10.25 1.19
N CYS A 311 8.42 10.81 0.77
CA CYS A 311 7.25 10.89 1.61
C CYS A 311 6.03 10.63 0.76
N ALA A 312 5.24 9.64 1.16
CA ALA A 312 3.98 9.32 0.50
C ALA A 312 2.81 9.43 1.47
N GLU A 313 1.63 9.63 0.92
CA GLU A 313 0.40 9.65 1.71
C GLU A 313 -0.56 8.68 1.05
N ALA A 314 -1.23 7.87 1.87
CA ALA A 314 -2.14 6.87 1.32
C ALA A 314 -3.36 6.71 2.20
N ILE A 315 -4.44 6.26 1.57
CA ILE A 315 -5.68 5.97 2.29
C ILE A 315 -6.44 4.88 1.55
N ASN A 316 -7.20 4.09 2.28
CA ASN A 316 -8.13 3.14 1.66
C ASN A 316 -9.42 3.83 1.28
N PHE A 317 -10.05 3.32 0.22
CA PHE A 317 -11.37 3.80 -0.17
C PHE A 317 -12.15 2.66 -0.80
N ALA A 318 -13.43 2.90 -1.00
CA ALA A 318 -14.34 1.91 -1.55
C ALA A 318 -15.18 2.50 -2.67
N THR A 319 -15.72 1.60 -3.51
CA THR A 319 -16.70 1.95 -4.53
C THR A 319 -17.76 0.87 -4.48
N PRO A 320 -18.87 1.04 -5.23
CA PRO A 320 -19.86 -0.04 -5.24
C PRO A 320 -19.28 -1.38 -5.66
N ARG A 321 -18.32 -1.39 -6.59
CA ARG A 321 -17.73 -2.64 -7.06
C ARG A 321 -16.94 -3.36 -5.96
N TRP A 322 -16.45 -2.61 -4.97
CA TRP A 322 -15.70 -3.22 -3.88
C TRP A 322 -16.52 -4.18 -3.01
N ILE A 323 -17.81 -3.90 -2.85
CA ILE A 323 -18.60 -4.59 -1.84
C ILE A 323 -18.45 -6.11 -1.93
N ASP A 324 -18.53 -6.66 -3.15
CA ASP A 324 -18.42 -8.11 -3.28
C ASP A 324 -17.04 -8.64 -2.91
N TYR A 325 -15.99 -7.85 -3.15
CA TYR A 325 -14.66 -8.22 -2.69
C TYR A 325 -14.58 -8.21 -1.17
N GLY A 326 -15.19 -7.22 -0.54
CA GLY A 326 -15.19 -7.15 0.91
C GLY A 326 -15.84 -8.38 1.53
N LYS A 327 -16.91 -8.86 0.90
CA LYS A 327 -17.59 -10.06 1.39
C LYS A 327 -16.72 -11.32 1.34
N MET A 328 -15.81 -11.36 0.37
CA MET A 328 -14.99 -12.54 0.10
CA MET A 328 -15.01 -12.56 0.15
C MET A 328 -13.59 -12.46 0.69
N ALA A 329 -13.24 -11.31 1.26
CA ALA A 329 -11.87 -11.09 1.73
C ALA A 329 -11.44 -12.10 2.79
N SER A 330 -10.23 -12.64 2.64
N SER A 330 -10.23 -12.64 2.63
CA SER A 330 -9.70 -13.59 3.62
CA SER A 330 -9.64 -13.50 3.63
C SER A 330 -9.10 -12.88 4.83
C SER A 330 -9.43 -12.71 4.91
N GLN A 331 -9.34 -13.43 6.03
CA GLN A 331 -8.99 -12.77 7.27
C GLN A 331 -7.95 -13.55 8.06
N CYS A 332 -7.03 -12.82 8.66
CA CYS A 332 -6.11 -13.41 9.62
C CYS A 332 -6.84 -13.56 10.95
N SER A 333 -6.83 -14.76 11.50
CA SER A 333 -7.42 -14.99 12.82
C SER A 333 -6.39 -15.54 13.82
N CYS A 334 -5.11 -15.56 13.42
CA CYS A 334 -4.07 -16.08 14.30
C CYS A 334 -3.61 -15.02 15.29
N GLY A 335 -4.03 -13.77 15.06
CA GLY A 335 -3.70 -12.69 15.97
C GLY A 335 -2.59 -11.78 15.48
N GLU A 336 -1.80 -12.23 14.51
CA GLU A 336 -0.67 -11.44 14.03
C GLU A 336 -1.09 -10.14 13.35
N ALA A 337 -2.11 -10.22 12.49
CA ALA A 337 -2.48 -9.09 11.64
C ALA A 337 -2.91 -7.84 12.43
N ARG A 338 -3.82 -8.02 13.38
CA ARG A 338 -4.28 -6.93 14.27
C ARG A 338 -4.62 -5.63 13.54
N VAL A 339 -5.88 -5.43 13.22
CA VAL A 339 -6.28 -4.30 12.38
C VAL A 339 -7.06 -3.22 13.14
N THR A 340 -7.23 -2.08 12.47
CA THR A 340 -7.91 -0.91 13.01
C THR A 340 -9.31 -1.20 13.52
N PHE A 341 -9.83 -0.40 14.45
N PHE A 341 -9.72 -0.35 14.45
CA PHE A 341 -11.20 -0.71 14.89
CA PHE A 341 -11.06 -0.27 15.02
C PHE A 341 -12.23 -0.40 13.81
C PHE A 341 -12.14 -0.38 13.95
N SER A 342 -11.80 0.30 12.77
N SER A 342 -11.95 0.35 12.86
CA SER A 342 -12.67 0.59 11.63
CA SER A 342 -12.97 0.46 11.83
C SER A 342 -13.05 -0.70 10.91
C SER A 342 -13.18 -0.84 11.05
N MET A 343 -12.18 -1.70 11.00
CA MET A 343 -12.39 -2.96 10.30
C MET A 343 -13.43 -3.85 10.98
N ASP A 344 -13.63 -3.67 12.28
CA ASP A 344 -14.64 -4.46 13.00
C ASP A 344 -15.98 -4.44 12.31
N ALA A 345 -16.48 -3.26 11.99
CA ALA A 345 -17.81 -3.12 11.40
C ALA A 345 -17.87 -3.76 10.03
N PHE A 346 -16.79 -3.66 9.26
N PHE A 346 -16.79 -3.70 9.26
CA PHE A 346 -16.76 -4.26 7.93
CA PHE A 346 -16.82 -4.28 7.93
C PHE A 346 -16.96 -5.77 8.04
C PHE A 346 -16.88 -5.81 7.97
N VAL A 347 -16.21 -6.41 8.94
CA VAL A 347 -16.31 -7.85 9.13
C VAL A 347 -17.70 -8.19 9.69
N ARG A 348 -18.16 -7.41 10.65
CA ARG A 348 -19.45 -7.65 11.29
C ARG A 348 -20.62 -7.66 10.29
N ILE A 349 -20.61 -6.70 9.38
CA ILE A 349 -21.70 -6.57 8.42
C ILE A 349 -21.50 -7.47 7.19
N LEU A 350 -20.30 -7.46 6.62
CA LEU A 350 -20.09 -8.19 5.37
C LEU A 350 -19.77 -9.67 5.56
N GLN A 351 -19.22 -10.02 6.73
N GLN A 351 -19.18 -10.02 6.71
CA GLN A 351 -18.79 -11.39 7.01
CA GLN A 351 -18.83 -11.41 6.98
C GLN A 351 -19.26 -11.89 8.37
C GLN A 351 -19.26 -11.84 8.37
N PRO A 352 -20.57 -11.80 8.64
CA PRO A 352 -21.04 -12.15 9.98
C PRO A 352 -20.66 -13.56 10.43
N GLU A 353 -20.56 -14.54 9.53
CA GLU A 353 -20.16 -15.88 9.95
CA GLU A 353 -20.17 -15.87 9.96
C GLU A 353 -18.75 -15.90 10.50
N ARG A 354 -17.87 -15.08 9.91
CA ARG A 354 -16.48 -15.06 10.29
C ARG A 354 -16.25 -14.20 11.54
N TYR A 355 -17.20 -13.33 11.83
CA TYR A 355 -17.02 -12.29 12.84
C TYR A 355 -16.53 -12.79 14.21
N ASP A 356 -17.21 -13.76 14.80
CA ASP A 356 -16.83 -14.28 16.12
CA ASP A 356 -16.83 -14.27 16.12
C ASP A 356 -15.37 -14.75 16.18
N LEU A 357 -15.00 -15.61 15.23
CA LEU A 357 -13.65 -16.15 15.16
C LEU A 357 -12.60 -15.07 14.92
N TRP A 358 -12.92 -14.13 14.04
CA TRP A 358 -12.01 -13.05 13.72
C TRP A 358 -11.79 -12.16 14.94
N LYS A 359 -12.87 -11.87 15.66
CA LYS A 359 -12.79 -10.98 16.81
C LYS A 359 -12.05 -11.65 17.98
N ARG A 360 -12.06 -12.98 18.00
CA ARG A 360 -11.30 -13.72 19.00
C ARG A 360 -9.81 -13.50 18.80
N GLY A 361 -9.44 -13.15 17.56
CA GLY A 361 -8.05 -12.86 17.23
C GLY A 361 -7.63 -11.47 17.61
N GLN A 362 -8.59 -10.56 17.71
CA GLN A 362 -8.31 -9.17 18.07
C GLN A 362 -8.20 -9.01 19.58
N ASP A 363 -8.93 -9.84 20.31
CA ASP A 363 -8.92 -9.79 21.77
C ASP A 363 -8.00 -10.87 22.35
#